data_4GS0
#
_entry.id   4GS0
#
_cell.length_a   43.935
_cell.length_b   43.935
_cell.length_c   258.112
_cell.angle_alpha   90.00
_cell.angle_beta   90.00
_cell.angle_gamma   120.00
#
_symmetry.space_group_name_H-M   'P 31'
#
loop_
_entity.id
_entity.type
_entity.pdbx_description
1 polymer 'Tyrosine-protein phosphatase non-receptor type 6'
2 polymer 'Tyrosine-protein kinase JAK1'
3 water water
#
loop_
_entity_poly.entity_id
_entity_poly.type
_entity_poly.pdbx_seq_one_letter_code
_entity_poly.pdbx_strand_id
1 'polypeptide(L)'
;MHHHHHHGSLVPRSENLYFQGSGFWEEFESLQKQEVKNLHQRLEGQRPENKGKNRYKNILPFDHSRVILQGRDSNIPGSD
YINANYIKNQLLGPDENAKTYIASQGCLEATVNDFWQMAWQENSRVIVMTTREVEKGRNKCVPYWPEVGMQRAYGPYSVT
NCGEHDTTEYKLRTLQVSPLDNGDLIREIWHYQYLSWPDHGVPSEPGGVLSFLDQINQRQESLPHAGPIIVHCSAGIGRT
GTIIVIDMLMENISTKGLDCDIDIQKTIQMVRAQRSGMVQTEAQYKFIYVAIAQFIETTKKKLEVLQS
;
A,B
2 'polypeptide(L)' (UNK)(UNK)(FTY)(UNK) C
#
# COMPACT_ATOMS: atom_id res chain seq x y z
N GLY A 23 35.37 -17.11 -30.83
CA GLY A 23 33.99 -17.48 -31.11
C GLY A 23 33.05 -17.01 -30.02
N PHE A 24 33.28 -17.47 -28.79
CA PHE A 24 32.40 -17.18 -27.66
C PHE A 24 32.21 -15.69 -27.34
N TRP A 25 33.30 -14.96 -27.14
CA TRP A 25 33.18 -13.55 -26.75
C TRP A 25 32.55 -12.69 -27.84
N GLU A 26 32.82 -13.02 -29.10
CA GLU A 26 32.20 -12.31 -30.20
C GLU A 26 30.69 -12.57 -30.24
N GLU A 27 30.29 -13.82 -30.06
CA GLU A 27 28.87 -14.18 -30.01
C GLU A 27 28.22 -13.51 -28.78
N PHE A 28 28.96 -13.52 -27.67
CA PHE A 28 28.49 -12.87 -26.43
C PHE A 28 28.28 -11.38 -26.65
N GLU A 29 29.23 -10.72 -27.32
CA GLU A 29 29.12 -9.29 -27.59
C GLU A 29 27.88 -9.00 -28.43
N SER A 30 27.56 -9.92 -29.33
CA SER A 30 26.39 -9.78 -30.19
C SER A 30 25.10 -9.80 -29.35
N LEU A 31 25.17 -10.41 -28.17
CA LEU A 31 24.04 -10.43 -27.26
C LEU A 31 24.09 -9.26 -26.28
N GLN A 32 25.30 -8.73 -26.04
CA GLN A 32 25.46 -7.52 -25.23
C GLN A 32 24.81 -6.32 -25.91
N LYS A 33 24.71 -6.39 -27.23
CA LYS A 33 24.11 -5.31 -28.03
C LYS A 33 22.66 -5.06 -27.65
N GLN A 34 21.89 -6.14 -27.50
CA GLN A 34 20.46 -6.04 -27.27
C GLN A 34 20.16 -5.41 -25.93
N GLU A 35 20.96 -5.77 -24.92
CA GLU A 35 20.77 -5.22 -23.59
C GLU A 35 21.11 -3.73 -23.55
N VAL A 36 22.04 -3.31 -24.40
CA VAL A 36 22.35 -1.89 -24.49
C VAL A 36 21.13 -1.09 -24.96
N LYS A 37 20.45 -1.60 -25.99
CA LYS A 37 19.26 -0.96 -26.53
C LYS A 37 18.10 -1.00 -25.54
N ASN A 38 18.07 -2.03 -24.70
CA ASN A 38 17.04 -2.22 -23.68
C ASN A 38 17.25 -1.41 -22.42
N LEU A 39 18.21 -0.49 -22.44
CA LEU A 39 18.55 0.23 -21.21
C LEU A 39 17.46 1.18 -20.74
N HIS A 40 16.43 1.38 -21.55
CA HIS A 40 15.38 2.32 -21.18
C HIS A 40 14.04 1.65 -20.84
N GLN A 41 13.97 0.33 -20.93
CA GLN A 41 12.72 -0.35 -20.66
CA GLN A 41 12.74 -0.39 -20.64
C GLN A 41 12.32 -0.30 -19.19
N ARG A 42 11.02 -0.16 -18.97
CA ARG A 42 10.46 -0.13 -17.63
CA ARG A 42 10.45 -0.11 -17.64
C ARG A 42 9.22 -0.99 -17.62
N LEU A 43 9.40 -2.28 -17.91
CA LEU A 43 8.25 -3.20 -17.99
C LEU A 43 7.80 -3.69 -16.62
N GLU A 44 8.76 -3.97 -15.73
CA GLU A 44 8.38 -4.54 -14.44
C GLU A 44 7.39 -3.65 -13.70
N GLY A 45 7.60 -2.35 -13.74
CA GLY A 45 6.73 -1.41 -13.03
C GLY A 45 5.32 -1.34 -13.61
N GLN A 46 5.14 -1.87 -14.82
CA GLN A 46 3.83 -1.84 -15.48
C GLN A 46 3.02 -3.12 -15.33
N ARG A 47 3.53 -4.12 -14.59
CA ARG A 47 2.71 -5.29 -14.30
C ARG A 47 1.47 -4.80 -13.54
N PRO A 48 0.31 -5.39 -13.84
CA PRO A 48 -0.93 -5.02 -13.13
C PRO A 48 -0.78 -5.22 -11.62
N GLU A 49 0.02 -6.20 -11.23
CA GLU A 49 0.23 -6.49 -9.81
C GLU A 49 0.98 -5.38 -9.09
N ASN A 50 1.71 -4.57 -9.87
CA ASN A 50 2.51 -3.48 -9.31
C ASN A 50 1.86 -2.10 -9.34
N LYS A 51 0.62 -2.02 -9.83
CA LYS A 51 -0.04 -0.73 -10.01
C LYS A 51 -0.20 0.04 -8.72
N GLY A 52 -0.49 -0.66 -7.62
CA GLY A 52 -0.63 -0.02 -6.32
C GLY A 52 0.70 0.24 -5.63
N LYS A 53 1.80 -0.06 -6.31
CA LYS A 53 3.14 0.08 -5.69
C LYS A 53 3.88 1.29 -6.25
N ASN A 54 3.25 1.98 -7.21
CA ASN A 54 3.80 3.21 -7.80
C ASN A 54 2.98 4.45 -7.42
N ARG A 55 3.66 5.55 -7.09
CA ARG A 55 2.98 6.84 -6.90
C ARG A 55 2.51 7.45 -8.21
N TYR A 56 3.27 7.19 -9.27
CA TYR A 56 2.92 7.70 -10.59
C TYR A 56 3.13 6.64 -11.65
N LYS A 57 2.14 6.45 -12.52
CA LYS A 57 2.20 5.42 -13.55
C LYS A 57 3.37 5.65 -14.51
N ASN A 58 3.80 6.90 -14.63
CA ASN A 58 4.84 7.27 -15.60
C ASN A 58 6.23 7.40 -14.98
N ILE A 59 6.33 7.27 -13.66
CA ILE A 59 7.64 7.29 -13.01
CA ILE A 59 7.63 7.29 -13.00
C ILE A 59 7.96 5.88 -12.51
N LEU A 60 8.74 5.16 -13.31
CA LEU A 60 9.02 3.76 -13.04
C LEU A 60 10.52 3.54 -13.09
N PRO A 61 11.00 2.48 -12.39
CA PRO A 61 12.43 2.15 -12.43
C PRO A 61 12.79 1.44 -13.73
N PHE A 62 13.95 1.77 -14.28
CA PHE A 62 14.50 1.00 -15.38
C PHE A 62 14.67 -0.44 -14.92
N ASP A 63 14.30 -1.38 -15.79
CA ASP A 63 14.45 -2.79 -15.45
C ASP A 63 15.90 -3.15 -15.16
N HIS A 64 16.83 -2.58 -15.91
CA HIS A 64 18.24 -2.99 -15.82
C HIS A 64 18.91 -2.63 -14.51
N SER A 65 18.39 -1.61 -13.83
CA SER A 65 19.02 -1.16 -12.58
C SER A 65 18.08 -1.21 -11.40
N ARG A 66 16.92 -1.83 -11.57
CA ARG A 66 15.94 -1.80 -10.48
C ARG A 66 16.43 -2.64 -9.32
N VAL A 67 16.00 -2.27 -8.13
CA VAL A 67 16.28 -3.09 -6.94
C VAL A 67 15.29 -4.25 -6.95
N ILE A 68 15.81 -5.47 -6.95
CA ILE A 68 14.95 -6.64 -7.01
C ILE A 68 14.83 -7.21 -5.59
N LEU A 69 13.61 -7.25 -5.07
CA LEU A 69 13.45 -7.69 -3.68
C LEU A 69 13.63 -9.19 -3.57
N GLN A 70 14.45 -9.60 -2.59
CA GLN A 70 14.67 -11.00 -2.30
C GLN A 70 13.68 -11.45 -1.22
N GLY A 71 13.69 -12.76 -0.92
CA GLY A 71 12.83 -13.30 0.13
C GLY A 71 11.39 -13.36 -0.30
N ARG A 72 11.16 -13.24 -1.61
CA ARG A 72 9.83 -13.20 -2.19
C ARG A 72 9.60 -14.45 -3.03
N ASP A 73 8.32 -14.77 -3.26
CA ASP A 73 7.96 -15.96 -4.03
C ASP A 73 7.95 -15.62 -5.51
N SER A 74 8.91 -16.16 -6.26
CA SER A 74 8.99 -15.93 -7.70
C SER A 74 7.78 -16.52 -8.43
N ASN A 75 6.98 -17.32 -7.72
CA ASN A 75 5.75 -17.86 -8.29
C ASN A 75 4.60 -16.86 -8.23
N ILE A 76 4.84 -15.69 -7.63
CA ILE A 76 3.83 -14.65 -7.52
C ILE A 76 4.27 -13.42 -8.32
N PRO A 77 3.65 -13.19 -9.49
CA PRO A 77 4.10 -12.06 -10.33
C PRO A 77 4.14 -10.75 -9.57
N GLY A 78 5.20 -10.00 -9.78
CA GLY A 78 5.39 -8.72 -9.10
C GLY A 78 5.86 -8.75 -7.65
N SER A 79 6.00 -9.93 -7.05
CA SER A 79 6.38 -9.99 -5.64
C SER A 79 7.75 -9.40 -5.37
N ASP A 80 8.61 -9.34 -6.40
CA ASP A 80 9.98 -8.83 -6.23
C ASP A 80 10.08 -7.32 -6.44
N TYR A 81 8.95 -6.64 -6.61
CA TYR A 81 8.99 -5.27 -7.07
C TYR A 81 9.05 -4.19 -6.02
N ILE A 82 9.91 -3.20 -6.29
CA ILE A 82 9.90 -1.93 -5.59
C ILE A 82 10.33 -0.83 -6.55
N ASN A 83 9.77 0.36 -6.40
CA ASN A 83 10.08 1.46 -7.30
C ASN A 83 11.36 2.14 -6.82
N ALA A 84 12.50 1.58 -7.22
CA ALA A 84 13.80 2.08 -6.75
C ALA A 84 14.88 1.53 -7.65
N ASN A 85 15.99 2.25 -7.79
CA ASN A 85 17.08 1.83 -8.65
C ASN A 85 18.42 2.02 -7.97
N TYR A 86 19.37 1.15 -8.30
CA TYR A 86 20.75 1.38 -7.89
C TYR A 86 21.31 2.51 -8.74
N ILE A 87 22.07 3.40 -8.10
CA ILE A 87 22.77 4.48 -8.78
C ILE A 87 24.23 4.44 -8.37
N LYS A 88 25.14 4.38 -9.33
CA LYS A 88 26.55 4.46 -8.96
C LYS A 88 27.20 5.56 -9.76
N ASN A 89 28.32 6.07 -9.25
CA ASN A 89 29.06 7.10 -9.94
C ASN A 89 29.95 6.42 -10.98
N GLN A 90 29.48 6.39 -12.22
CA GLN A 90 30.16 5.67 -13.28
CA GLN A 90 30.17 5.67 -13.27
C GLN A 90 31.30 6.49 -13.90
N LEU A 91 31.69 7.57 -13.22
CA LEU A 91 32.82 8.36 -13.68
C LEU A 91 33.82 8.59 -12.54
N LEU A 92 33.64 7.88 -11.44
CA LEU A 92 34.66 7.80 -10.41
C LEU A 92 35.43 6.49 -10.58
N LYS A 99 31.47 5.13 -3.05
CA LYS A 99 30.25 4.58 -2.46
C LYS A 99 29.07 4.66 -3.42
N THR A 100 28.06 3.83 -3.19
CA THR A 100 26.93 3.73 -4.11
CA THR A 100 26.93 3.71 -4.11
C THR A 100 25.60 4.11 -3.46
N TYR A 101 24.56 4.27 -4.27
CA TYR A 101 23.27 4.73 -3.75
C TYR A 101 22.12 3.90 -4.26
N ILE A 102 21.01 4.00 -3.56
CA ILE A 102 19.73 3.57 -4.12
C ILE A 102 18.84 4.82 -4.13
N ALA A 103 18.23 5.10 -5.28
CA ALA A 103 17.25 6.19 -5.42
C ALA A 103 15.88 5.54 -5.43
N SER A 104 15.07 5.89 -4.44
CA SER A 104 13.78 5.22 -4.24
C SER A 104 12.64 6.22 -4.18
N GLN A 105 11.46 5.78 -4.56
CA GLN A 105 10.26 6.57 -4.30
C GLN A 105 9.96 6.51 -2.80
N GLY A 106 9.21 7.47 -2.29
CA GLY A 106 8.81 7.46 -0.88
C GLY A 106 7.69 6.45 -0.66
N CYS A 107 7.69 5.79 0.49
CA CYS A 107 6.72 4.72 0.79
C CYS A 107 5.26 5.10 0.65
N LEU A 108 4.48 4.17 0.11
CA LEU A 108 3.03 4.16 0.26
C LEU A 108 2.73 3.20 1.39
N GLU A 109 1.54 3.25 2.00
CA GLU A 109 1.21 2.27 3.03
C GLU A 109 1.40 0.85 2.50
N ALA A 110 1.07 0.66 1.23
CA ALA A 110 1.12 -0.66 0.62
C ALA A 110 2.56 -1.13 0.36
N THR A 111 3.53 -0.22 0.51
CA THR A 111 4.92 -0.59 0.19
C THR A 111 5.91 -0.41 1.35
N VAL A 112 5.43 -0.17 2.56
CA VAL A 112 6.34 0.02 3.69
CA VAL A 112 6.36 0.02 3.68
C VAL A 112 7.15 -1.25 3.97
N ASN A 113 6.48 -2.40 3.93
CA ASN A 113 7.21 -3.64 4.19
C ASN A 113 8.26 -3.89 3.11
N ASP A 114 7.93 -3.56 1.86
CA ASP A 114 8.83 -3.68 0.73
C ASP A 114 10.09 -2.85 0.94
N PHE A 115 9.88 -1.66 1.47
CA PHE A 115 11.01 -0.78 1.78
C PHE A 115 11.98 -1.43 2.78
N TRP A 116 11.47 -2.01 3.86
CA TRP A 116 12.34 -2.64 4.85
C TRP A 116 13.05 -3.88 4.33
N GLN A 117 12.38 -4.67 3.48
CA GLN A 117 13.07 -5.77 2.81
C GLN A 117 14.25 -5.24 2.01
N MET A 118 14.02 -4.19 1.23
CA MET A 118 15.11 -3.56 0.49
C MET A 118 16.28 -3.12 1.39
N ALA A 119 15.98 -2.41 2.48
CA ALA A 119 17.06 -1.92 3.34
C ALA A 119 17.83 -3.08 3.95
N TRP A 120 17.11 -4.13 4.35
CA TRP A 120 17.78 -5.26 4.99
C TRP A 120 18.69 -6.00 4.02
N GLN A 121 18.17 -6.31 2.84
CA GLN A 121 18.91 -7.15 1.90
C GLN A 121 20.15 -6.45 1.35
N GLU A 122 20.09 -5.13 1.26
CA GLU A 122 21.18 -4.35 0.69
C GLU A 122 22.23 -3.99 1.72
N ASN A 123 21.93 -4.26 2.99
CA ASN A 123 22.84 -3.97 4.09
C ASN A 123 23.03 -2.46 4.24
N SER A 124 22.00 -1.69 3.85
CA SER A 124 22.07 -0.24 3.96
C SER A 124 22.06 0.15 5.43
N ARG A 125 22.89 1.11 5.79
CA ARG A 125 22.98 1.56 7.18
C ARG A 125 22.61 3.04 7.32
N VAL A 126 22.46 3.72 6.19
CA VAL A 126 22.09 5.12 6.19
C VAL A 126 20.91 5.32 5.24
N ILE A 127 19.85 5.93 5.75
CA ILE A 127 18.70 6.33 4.91
C ILE A 127 18.60 7.86 4.90
N VAL A 128 18.41 8.42 3.71
CA VAL A 128 18.35 9.86 3.55
C VAL A 128 16.99 10.23 2.97
N MET A 129 16.14 10.81 3.81
CA MET A 129 14.80 11.21 3.41
C MET A 129 14.77 12.72 3.20
N THR A 130 14.48 13.16 1.98
CA THR A 130 14.59 14.57 1.67
C THR A 130 13.23 15.28 1.61
N THR A 131 12.21 14.66 2.19
CA THR A 131 10.85 15.23 2.08
C THR A 131 10.18 15.15 3.44
N ARG A 132 9.19 16.01 3.69
CA ARG A 132 8.29 15.75 4.80
C ARG A 132 7.24 14.76 4.33
N GLU A 133 6.52 14.16 5.27
CA GLU A 133 5.49 13.17 4.92
C GLU A 133 4.38 13.81 4.11
N VAL A 134 4.04 15.04 4.48
CA VAL A 134 3.01 15.80 3.80
C VAL A 134 3.55 17.19 3.56
N GLU A 135 3.39 17.69 2.34
CA GLU A 135 3.82 19.03 1.99
C GLU A 135 2.69 19.76 1.31
N LYS A 136 2.30 20.90 1.87
CA LYS A 136 1.23 21.72 1.30
C LYS A 136 -0.03 20.90 1.04
N GLY A 137 -0.37 20.04 1.99
CA GLY A 137 -1.60 19.28 1.94
C GLY A 137 -1.54 18.13 0.95
N ARG A 138 -0.36 17.86 0.40
CA ARG A 138 -0.18 16.74 -0.51
C ARG A 138 0.64 15.63 0.15
N ASN A 139 0.14 14.40 0.10
CA ASN A 139 0.89 13.25 0.58
C ASN A 139 2.18 13.03 -0.21
N LYS A 140 3.30 12.91 0.49
CA LYS A 140 4.59 12.69 -0.15
C LYS A 140 5.21 11.35 0.23
N CYS A 141 5.03 10.94 1.48
CA CYS A 141 5.63 9.70 1.96
C CYS A 141 4.97 9.31 3.27
N VAL A 142 4.52 8.07 3.39
CA VAL A 142 4.00 7.63 4.68
C VAL A 142 5.19 7.31 5.58
N PRO A 143 5.04 7.53 6.88
CA PRO A 143 6.10 7.17 7.83
C PRO A 143 6.32 5.65 7.82
N TYR A 144 7.58 5.22 7.86
CA TYR A 144 7.89 3.80 7.88
C TYR A 144 8.82 3.49 9.07
N TRP A 145 8.84 4.41 10.03
CA TRP A 145 9.54 4.21 11.29
C TRP A 145 8.53 4.35 12.41
N PRO A 146 8.79 3.71 13.57
CA PRO A 146 7.99 3.85 14.78
C PRO A 146 8.36 5.13 15.52
N GLU A 147 7.50 5.61 16.42
CA GLU A 147 7.88 6.72 17.29
C GLU A 147 8.97 6.28 18.28
N VAL A 148 9.67 7.25 18.88
CA VAL A 148 10.79 6.90 19.75
C VAL A 148 10.38 6.00 20.91
N GLY A 149 11.11 4.91 21.08
CA GLY A 149 10.82 3.97 22.15
C GLY A 149 9.82 2.92 21.72
N MET A 150 9.26 3.04 20.52
CA MET A 150 8.32 2.05 20.03
CA MET A 150 8.32 2.03 20.03
C MET A 150 9.04 0.99 19.17
N GLN A 151 8.57 -0.24 19.27
CA GLN A 151 9.04 -1.34 18.45
C GLN A 151 7.83 -1.86 17.68
N ARG A 152 8.02 -2.17 16.41
CA ARG A 152 6.95 -2.85 15.68
C ARG A 152 7.50 -3.63 14.49
N ALA A 153 6.71 -4.59 14.01
CA ALA A 153 7.08 -5.36 12.83
C ALA A 153 6.68 -4.67 11.54
N TYR A 154 7.53 -4.78 10.53
CA TYR A 154 7.19 -4.43 9.15
C TYR A 154 7.47 -5.66 8.33
N GLY A 155 6.44 -6.49 8.17
CA GLY A 155 6.66 -7.81 7.60
C GLY A 155 7.57 -8.59 8.55
N PRO A 156 8.54 -9.33 7.98
CA PRO A 156 9.41 -10.19 8.78
C PRO A 156 10.55 -9.46 9.48
N TYR A 157 10.51 -8.13 9.54
CA TYR A 157 11.54 -7.38 10.28
C TYR A 157 10.95 -6.61 11.45
N SER A 158 11.70 -6.58 12.54
CA SER A 158 11.35 -5.81 13.71
C SER A 158 12.16 -4.51 13.69
N VAL A 159 11.49 -3.38 13.84
CA VAL A 159 12.19 -2.08 13.84
C VAL A 159 11.88 -1.35 15.14
N THR A 160 12.92 -0.87 15.80
CA THR A 160 12.77 -0.08 17.03
C THR A 160 13.36 1.31 16.77
N ASN A 161 12.66 2.37 17.17
CA ASN A 161 13.24 3.72 17.13
C ASN A 161 13.90 3.99 18.48
N CYS A 162 15.23 4.00 18.48
CA CYS A 162 15.98 4.05 19.73
C CYS A 162 16.28 5.46 20.19
N GLY A 163 15.98 6.43 19.34
CA GLY A 163 16.29 7.81 19.70
C GLY A 163 16.33 8.75 18.52
N GLU A 164 16.22 10.04 18.82
CA GLU A 164 16.19 11.06 17.80
C GLU A 164 17.11 12.20 18.21
N HIS A 165 17.65 12.89 17.22
CA HIS A 165 18.31 14.15 17.48
C HIS A 165 17.81 15.18 16.47
N ASP A 166 17.41 16.35 16.97
CA ASP A 166 16.90 17.42 16.14
C ASP A 166 17.96 18.49 15.92
N THR A 167 18.19 18.85 14.66
CA THR A 167 18.95 20.06 14.35
C THR A 167 17.98 21.05 13.70
N THR A 168 18.49 22.20 13.29
CA THR A 168 17.63 23.23 12.72
C THR A 168 17.01 22.79 11.38
N GLU A 169 17.76 22.03 10.58
CA GLU A 169 17.30 21.68 9.23
CA GLU A 169 17.31 21.68 9.23
C GLU A 169 16.93 20.21 9.06
N TYR A 170 17.32 19.37 10.01
CA TYR A 170 17.05 17.93 9.83
C TYR A 170 16.95 17.16 11.14
N LYS A 171 16.38 15.96 11.05
CA LYS A 171 16.21 15.12 12.23
C LYS A 171 16.91 13.79 11.99
N LEU A 172 17.64 13.32 12.99
CA LEU A 172 18.29 12.03 12.89
C LEU A 172 17.59 11.09 13.84
N ARG A 173 17.15 9.94 13.30
CA ARG A 173 16.53 8.89 14.08
C ARG A 173 17.44 7.68 14.01
N THR A 174 17.72 7.08 15.16
CA THR A 174 18.53 5.86 15.18
C THR A 174 17.62 4.64 15.34
N LEU A 175 17.62 3.81 14.32
CA LEU A 175 16.72 2.67 14.26
C LEU A 175 17.53 1.40 14.49
N GLN A 176 16.93 0.46 15.19
CA GLN A 176 17.52 -0.87 15.31
C GLN A 176 16.59 -1.82 14.59
N VAL A 177 17.15 -2.60 13.66
CA VAL A 177 16.35 -3.53 12.88
CA VAL A 177 16.36 -3.52 12.87
C VAL A 177 16.88 -4.96 13.01
N SER A 178 15.97 -5.92 13.08
CA SER A 178 16.38 -7.32 13.13
C SER A 178 15.32 -8.21 12.46
N PRO A 179 15.72 -9.36 11.92
CA PRO A 179 14.73 -10.29 11.37
C PRO A 179 13.94 -10.93 12.51
N LEU A 180 12.64 -11.08 12.34
CA LEU A 180 11.80 -11.69 13.38
C LEU A 180 12.16 -13.14 13.62
N ASP A 181 12.75 -13.79 12.62
CA ASP A 181 13.17 -15.18 12.78
C ASP A 181 14.56 -15.30 13.38
N ASN A 182 15.23 -14.16 13.56
CA ASN A 182 16.60 -14.13 14.08
C ASN A 182 16.78 -12.90 14.95
N GLY A 183 16.02 -12.84 16.04
CA GLY A 183 15.86 -11.64 16.84
C GLY A 183 17.11 -10.93 17.34
N ASP A 184 18.19 -11.68 17.53
CA ASP A 184 19.41 -11.11 18.09
C ASP A 184 20.33 -10.48 17.03
N LEU A 185 19.98 -10.68 15.77
CA LEU A 185 20.80 -10.17 14.67
C LEU A 185 20.42 -8.71 14.42
N ILE A 186 20.99 -7.80 15.20
CA ILE A 186 20.55 -6.40 15.14
C ILE A 186 21.53 -5.53 14.33
N ARG A 187 20.96 -4.66 13.51
CA ARG A 187 21.73 -3.64 12.80
C ARG A 187 21.20 -2.29 13.18
N GLU A 188 22.12 -1.35 13.41
CA GLU A 188 21.74 0.03 13.62
C GLU A 188 21.64 0.70 12.24
N ILE A 189 20.53 1.39 11.99
CA ILE A 189 20.35 2.14 10.75
C ILE A 189 20.08 3.61 11.11
N TRP A 190 20.86 4.52 10.52
CA TRP A 190 20.71 5.93 10.82
C TRP A 190 19.85 6.57 9.76
N HIS A 191 18.75 7.19 10.21
CA HIS A 191 17.75 7.73 9.30
C HIS A 191 17.79 9.25 9.38
N TYR A 192 18.20 9.89 8.28
CA TYR A 192 18.36 11.33 8.25
C TYR A 192 17.21 11.94 7.48
N GLN A 193 16.41 12.79 8.11
CA GLN A 193 15.31 13.43 7.37
C GLN A 193 15.52 14.93 7.25
N TYR A 194 15.68 15.43 6.01
CA TYR A 194 15.80 16.86 5.80
C TYR A 194 14.41 17.49 5.84
N LEU A 195 14.25 18.57 6.60
CA LEU A 195 12.93 19.11 6.88
C LEU A 195 12.59 20.41 6.16
N SER A 196 13.59 21.04 5.53
CA SER A 196 13.37 22.36 4.95
CA SER A 196 13.43 22.37 4.96
C SER A 196 13.58 22.42 3.44
N TRP A 197 13.38 21.29 2.77
CA TRP A 197 13.53 21.27 1.31
C TRP A 197 12.25 20.76 0.62
N PRO A 198 11.32 21.68 0.33
CA PRO A 198 10.04 21.39 -0.34
C PRO A 198 10.19 20.83 -1.75
N ASP A 199 9.23 20.03 -2.19
CA ASP A 199 9.23 19.50 -3.56
C ASP A 199 9.09 20.64 -4.60
N HIS A 200 8.48 21.75 -4.19
CA HIS A 200 8.18 22.84 -5.13
C HIS A 200 9.26 23.94 -5.21
N GLY A 201 10.35 23.78 -4.47
CA GLY A 201 11.41 24.77 -4.51
C GLY A 201 12.74 24.17 -4.07
N VAL A 202 13.71 25.01 -3.78
CA VAL A 202 14.98 24.58 -3.19
C VAL A 202 15.31 25.47 -1.99
N PRO A 203 16.24 25.03 -1.13
CA PRO A 203 16.58 25.89 0.03
C PRO A 203 17.19 27.23 -0.40
N SER A 204 17.07 28.26 0.45
CA SER A 204 17.55 29.60 0.10
C SER A 204 19.08 29.68 0.09
N GLU A 205 19.70 28.86 0.92
CA GLU A 205 21.16 28.77 0.99
C GLU A 205 21.51 27.27 0.99
N PRO A 206 22.67 26.91 0.41
CA PRO A 206 23.06 25.50 0.31
C PRO A 206 23.73 24.95 1.57
N GLY A 207 24.05 25.80 2.54
CA GLY A 207 24.80 25.39 3.71
C GLY A 207 24.18 24.23 4.48
N GLY A 208 22.86 24.25 4.62
CA GLY A 208 22.15 23.22 5.36
C GLY A 208 22.31 21.87 4.70
N VAL A 209 22.16 21.83 3.38
CA VAL A 209 22.30 20.59 2.63
C VAL A 209 23.75 20.12 2.65
N LEU A 210 24.69 21.02 2.49
CA LEU A 210 26.12 20.66 2.53
C LEU A 210 26.53 20.03 3.87
N SER A 211 26.10 20.60 5.00
CA SER A 211 26.46 20.02 6.29
C SER A 211 25.73 18.71 6.57
N PHE A 212 24.47 18.62 6.14
CA PHE A 212 23.69 17.39 6.15
C PHE A 212 24.44 16.28 5.40
N LEU A 213 24.88 16.55 4.17
CA LEU A 213 25.65 15.55 3.42
C LEU A 213 27.00 15.23 4.07
N ASP A 214 27.60 16.20 4.75
CA ASP A 214 28.85 15.95 5.46
C ASP A 214 28.63 14.94 6.58
N GLN A 215 27.54 15.08 7.32
CA GLN A 215 27.23 14.15 8.42
C GLN A 215 26.94 12.76 7.87
N ILE A 216 26.15 12.71 6.80
CA ILE A 216 25.81 11.45 6.16
C ILE A 216 27.07 10.73 5.68
N ASN A 217 27.99 11.49 5.08
CA ASN A 217 29.21 10.91 4.55
C ASN A 217 30.15 10.42 5.65
N GLN A 218 30.22 11.18 6.73
CA GLN A 218 30.98 10.74 7.91
C GLN A 218 30.44 9.41 8.43
N ARG A 219 29.12 9.31 8.54
CA ARG A 219 28.49 8.07 9.00
C ARG A 219 28.83 6.92 8.05
N GLN A 220 28.54 7.11 6.77
CA GLN A 220 28.76 6.07 5.78
C GLN A 220 30.24 5.63 5.70
N GLU A 221 31.15 6.60 5.68
CA GLU A 221 32.58 6.29 5.59
C GLU A 221 33.08 5.51 6.81
N SER A 222 32.39 5.64 7.93
CA SER A 222 32.81 4.99 9.16
C SER A 222 32.48 3.49 9.13
N LEU A 223 31.73 3.07 8.11
CA LEU A 223 31.30 1.68 7.95
C LEU A 223 31.71 1.15 6.57
N PRO A 224 32.94 0.62 6.46
CA PRO A 224 33.47 0.16 5.16
C PRO A 224 32.62 -0.95 4.53
N HIS A 225 31.92 -1.71 5.36
CA HIS A 225 31.12 -2.84 4.91
C HIS A 225 29.65 -2.51 4.63
N ALA A 226 29.23 -1.27 4.91
CA ALA A 226 27.83 -0.89 4.71
C ALA A 226 27.41 -0.96 3.25
N GLY A 227 26.13 -1.25 3.00
CA GLY A 227 25.58 -1.22 1.65
C GLY A 227 25.29 0.20 1.18
N PRO A 228 24.63 0.32 0.01
CA PRO A 228 24.31 1.63 -0.58
C PRO A 228 23.50 2.51 0.38
N ILE A 229 23.75 3.81 0.29
CA ILE A 229 22.92 4.77 0.97
C ILE A 229 21.58 4.83 0.25
N ILE A 230 20.49 4.70 1.00
CA ILE A 230 19.17 4.78 0.37
C ILE A 230 18.71 6.22 0.45
N VAL A 231 18.38 6.81 -0.69
CA VAL A 231 17.94 8.20 -0.73
C VAL A 231 16.54 8.23 -1.34
N HIS A 232 15.64 8.97 -0.72
CA HIS A 232 14.30 9.06 -1.31
C HIS A 232 13.64 10.42 -1.07
N CYS A 233 12.66 10.72 -1.91
CA CYS A 233 11.78 11.86 -1.67
C CYS A 233 10.35 11.37 -1.80
N SER A 234 9.53 11.97 -2.67
N SER A 234 9.56 11.94 -2.70
CA SER A 234 8.21 11.40 -2.96
CA SER A 234 8.23 11.39 -2.97
C SER A 234 8.26 10.50 -4.19
C SER A 234 8.25 10.49 -4.19
N ALA A 235 8.54 11.06 -5.36
CA ALA A 235 8.60 10.28 -6.60
C ALA A 235 9.98 9.61 -6.77
N GLY A 236 10.96 10.08 -6.04
CA GLY A 236 12.30 9.49 -6.08
C GLY A 236 13.17 9.92 -7.24
N ILE A 237 12.88 11.06 -7.85
CA ILE A 237 13.73 11.57 -8.93
C ILE A 237 14.19 13.02 -8.78
N GLY A 238 13.38 13.86 -8.13
CA GLY A 238 13.66 15.29 -8.08
C GLY A 238 14.71 15.64 -7.03
N ARG A 239 14.27 15.76 -5.78
CA ARG A 239 15.21 16.09 -4.69
C ARG A 239 16.19 14.96 -4.51
N THR A 240 15.72 13.73 -4.74
CA THR A 240 16.58 12.54 -4.67
C THR A 240 17.74 12.64 -5.67
N GLY A 241 17.40 12.96 -6.91
CA GLY A 241 18.42 13.08 -7.93
C GLY A 241 19.36 14.23 -7.65
N THR A 242 18.80 15.34 -7.17
CA THR A 242 19.59 16.54 -6.89
C THR A 242 20.60 16.28 -5.77
N ILE A 243 20.16 15.62 -4.70
CA ILE A 243 21.08 15.42 -3.59
C ILE A 243 22.15 14.38 -3.93
N ILE A 244 21.78 13.37 -4.71
CA ILE A 244 22.78 12.38 -5.13
C ILE A 244 23.83 13.01 -6.05
N VAL A 245 23.40 13.86 -6.98
CA VAL A 245 24.40 14.50 -7.86
C VAL A 245 25.32 15.41 -7.06
N ILE A 246 24.76 16.16 -6.10
CA ILE A 246 25.62 17.02 -5.27
C ILE A 246 26.65 16.14 -4.54
N ASP A 247 26.20 15.01 -3.99
CA ASP A 247 27.09 14.14 -3.23
C ASP A 247 28.21 13.55 -4.09
N MET A 248 27.86 13.11 -5.30
CA MET A 248 28.85 12.54 -6.20
C MET A 248 29.89 13.57 -6.59
N LEU A 249 29.45 14.80 -6.80
CA LEU A 249 30.40 15.88 -7.17
C LEU A 249 31.32 16.23 -6.02
N MET A 250 30.75 16.29 -4.81
CA MET A 250 31.56 16.51 -3.61
C MET A 250 32.59 15.40 -3.45
N GLU A 251 32.18 14.17 -3.71
CA GLU A 251 33.08 13.02 -3.62
C GLU A 251 34.23 13.16 -4.62
N ASN A 252 33.87 13.49 -5.85
CA ASN A 252 34.85 13.69 -6.92
C ASN A 252 35.89 14.73 -6.54
N ILE A 253 35.42 15.85 -6.03
CA ILE A 253 36.28 16.94 -5.59
C ILE A 253 37.18 16.53 -4.44
N SER A 254 36.59 15.89 -3.42
CA SER A 254 37.34 15.48 -2.23
C SER A 254 38.39 14.43 -2.56
N THR A 255 38.16 13.68 -3.64
CA THR A 255 39.08 12.61 -4.03
C THR A 255 40.19 13.12 -4.96
N LYS A 256 39.80 13.89 -5.98
CA LYS A 256 40.73 14.30 -7.03
C LYS A 256 41.37 15.66 -6.78
N GLY A 257 40.69 16.50 -6.01
CA GLY A 257 41.17 17.84 -5.74
C GLY A 257 40.39 18.90 -6.51
N LEU A 258 40.75 20.16 -6.32
CA LEU A 258 40.04 21.27 -6.97
C LEU A 258 40.43 21.45 -8.43
N ASP A 259 41.37 20.62 -8.88
CA ASP A 259 41.82 20.65 -10.27
C ASP A 259 40.86 19.92 -11.20
N CYS A 260 39.99 19.09 -10.63
CA CYS A 260 39.23 18.13 -11.41
C CYS A 260 38.17 18.72 -12.34
N ASP A 261 37.92 18.03 -13.44
CA ASP A 261 36.83 18.36 -14.35
C ASP A 261 35.51 18.15 -13.62
N ILE A 262 34.80 19.24 -13.38
CA ILE A 262 33.46 19.14 -12.81
C ILE A 262 32.48 19.38 -13.94
N ASP A 263 31.79 18.31 -14.35
CA ASP A 263 30.85 18.40 -15.45
C ASP A 263 29.48 17.98 -14.95
N ILE A 264 28.72 18.97 -14.48
CA ILE A 264 27.42 18.73 -13.89
C ILE A 264 26.43 18.13 -14.89
N GLN A 265 26.39 18.69 -16.10
CA GLN A 265 25.54 18.14 -17.15
C GLN A 265 25.83 16.65 -17.41
N LYS A 266 27.11 16.31 -17.55
CA LYS A 266 27.50 14.91 -17.77
C LYS A 266 27.13 14.03 -16.59
N THR A 267 27.33 14.52 -15.38
CA THR A 267 26.99 13.74 -14.19
C THR A 267 25.48 13.46 -14.13
N ILE A 268 24.67 14.47 -14.41
CA ILE A 268 23.21 14.28 -14.45
C ILE A 268 22.80 13.26 -15.50
N GLN A 269 23.38 13.37 -16.71
CA GLN A 269 23.05 12.42 -17.77
C GLN A 269 23.39 10.99 -17.35
N MET A 270 24.52 10.83 -16.68
CA MET A 270 25.00 9.54 -16.21
C MET A 270 24.04 8.94 -15.18
N VAL A 271 23.53 9.79 -14.29
CA VAL A 271 22.57 9.37 -13.30
C VAL A 271 21.19 9.09 -13.93
N ARG A 272 20.82 9.85 -14.96
CA ARG A 272 19.57 9.61 -15.68
C ARG A 272 19.56 8.30 -16.47
N ALA A 273 20.73 7.79 -16.84
CA ALA A 273 20.78 6.49 -17.52
C ALA A 273 20.42 5.37 -16.55
N GLN A 274 20.43 5.66 -15.25
CA GLN A 274 20.21 4.67 -14.20
C GLN A 274 18.83 4.75 -13.53
N ARG A 275 18.24 5.94 -13.52
CA ARG A 275 16.83 6.09 -13.14
C ARG A 275 16.31 7.29 -13.90
N SER A 276 15.19 7.12 -14.60
CA SER A 276 14.71 8.14 -15.50
C SER A 276 14.34 9.43 -14.76
N GLY A 277 14.72 10.57 -15.33
CA GLY A 277 14.24 11.85 -14.86
C GLY A 277 14.93 12.46 -13.65
N MET A 278 16.02 11.85 -13.19
CA MET A 278 16.74 12.36 -12.02
C MET A 278 17.14 13.82 -12.24
N VAL A 279 16.90 14.66 -11.22
CA VAL A 279 17.02 16.12 -11.31
C VAL A 279 15.94 16.66 -12.24
N GLN A 280 14.80 17.00 -11.63
CA GLN A 280 13.60 17.33 -12.40
CA GLN A 280 13.58 17.32 -12.38
C GLN A 280 13.48 18.79 -12.82
N THR A 281 13.78 19.70 -11.91
CA THR A 281 13.45 21.11 -12.15
C THR A 281 14.63 22.05 -12.38
N GLU A 282 14.32 23.21 -12.93
CA GLU A 282 15.36 24.22 -13.17
C GLU A 282 15.92 24.75 -11.84
N ALA A 283 15.08 24.87 -10.83
CA ALA A 283 15.56 25.32 -9.50
C ALA A 283 16.53 24.30 -8.90
N GLN A 284 16.24 23.00 -9.09
CA GLN A 284 17.12 21.94 -8.61
C GLN A 284 18.47 21.97 -9.34
N TYR A 285 18.42 22.12 -10.67
CA TYR A 285 19.63 22.24 -11.48
C TYR A 285 20.54 23.38 -11.02
N LYS A 286 19.97 24.56 -10.86
CA LYS A 286 20.73 25.69 -10.34
C LYS A 286 21.25 25.46 -8.92
N PHE A 287 20.49 24.73 -8.11
CA PHE A 287 20.89 24.49 -6.73
C PHE A 287 22.15 23.65 -6.68
N ILE A 288 22.26 22.68 -7.58
CA ILE A 288 23.48 21.89 -7.68
C ILE A 288 24.70 22.79 -7.88
N TYR A 289 24.60 23.72 -8.84
CA TYR A 289 25.68 24.67 -9.08
C TYR A 289 26.00 25.50 -7.85
N VAL A 290 24.96 26.03 -7.21
CA VAL A 290 25.13 26.86 -6.03
C VAL A 290 25.78 26.06 -4.90
N ALA A 291 25.32 24.83 -4.70
CA ALA A 291 25.87 23.99 -3.65
C ALA A 291 27.35 23.66 -3.88
N ILE A 292 27.69 23.28 -5.11
CA ILE A 292 29.06 22.91 -5.42
C ILE A 292 29.98 24.13 -5.41
N ALA A 293 29.47 25.28 -5.81
CA ALA A 293 30.28 26.50 -5.83
C ALA A 293 30.68 26.89 -4.41
N GLN A 294 29.73 26.76 -3.48
CA GLN A 294 30.00 27.04 -2.08
C GLN A 294 30.93 25.99 -1.50
N PHE A 295 30.74 24.73 -1.89
CA PHE A 295 31.62 23.67 -1.40
C PHE A 295 33.07 23.93 -1.83
N ILE A 296 33.26 24.31 -3.09
CA ILE A 296 34.60 24.63 -3.59
C ILE A 296 35.20 25.83 -2.88
N GLU A 297 34.39 26.85 -2.63
CA GLU A 297 34.91 28.09 -2.01
C GLU A 297 35.29 27.87 -0.55
N THR A 298 34.47 27.09 0.15
CA THR A 298 34.75 26.71 1.53
C THR A 298 36.02 25.87 1.59
N THR A 299 36.14 24.92 0.67
CA THR A 299 37.34 24.09 0.60
C THR A 299 38.58 24.93 0.34
N LYS A 300 38.49 25.82 -0.64
CA LYS A 300 39.62 26.65 -1.01
C LYS A 300 40.06 27.54 0.15
N LYS A 301 39.08 28.11 0.86
CA LYS A 301 39.40 28.99 1.99
C LYS A 301 40.10 28.22 3.11
N LYS A 302 39.64 27.01 3.38
CA LYS A 302 40.30 26.17 4.38
C LYS A 302 41.74 25.82 3.97
N LEU A 303 41.93 25.50 2.69
CA LEU A 303 43.27 25.19 2.19
C LEU A 303 44.17 26.41 2.23
N GLU A 304 43.61 27.59 1.92
CA GLU A 304 44.38 28.84 2.01
C GLU A 304 44.89 29.03 3.43
N VAL A 305 44.04 28.71 4.40
CA VAL A 305 44.40 28.82 5.80
C VAL A 305 45.54 27.86 6.15
N LEU A 306 45.47 26.65 5.61
CA LEU A 306 46.45 25.61 5.88
C LEU A 306 47.77 25.80 5.13
N GLN A 307 47.90 26.90 4.40
CA GLN A 307 49.07 27.11 3.56
C GLN A 307 49.59 28.54 3.67
N HIS B 40 -16.09 -7.39 25.32
CA HIS B 40 -16.01 -7.09 23.88
C HIS B 40 -14.84 -6.15 23.58
N GLN B 41 -13.63 -6.71 23.56
CA GLN B 41 -12.43 -5.95 23.33
C GLN B 41 -12.20 -5.81 21.82
N ARG B 42 -11.48 -4.75 21.44
CA ARG B 42 -11.05 -4.56 20.07
C ARG B 42 -9.55 -4.29 20.08
N LEU B 43 -8.78 -5.26 20.59
CA LEU B 43 -7.35 -5.05 20.79
C LEU B 43 -6.52 -5.37 19.56
N GLU B 44 -6.90 -6.42 18.83
CA GLU B 44 -6.10 -6.83 17.68
C GLU B 44 -5.97 -5.69 16.69
N GLY B 45 -7.07 -4.97 16.47
CA GLY B 45 -7.06 -3.87 15.51
C GLY B 45 -6.19 -2.71 15.95
N GLN B 46 -5.82 -2.69 17.22
CA GLN B 46 -5.00 -1.59 17.72
C GLN B 46 -3.49 -1.89 17.75
N ARG B 47 -3.08 -3.09 17.33
CA ARG B 47 -1.64 -3.34 17.21
C ARG B 47 -1.02 -2.30 16.26
N PRO B 48 0.18 -1.81 16.58
CA PRO B 48 0.84 -0.87 15.66
C PRO B 48 0.98 -1.45 14.26
N GLU B 49 1.13 -2.76 14.16
CA GLU B 49 1.32 -3.42 12.86
C GLU B 49 0.08 -3.35 11.99
N ASN B 50 -1.06 -3.08 12.61
CA ASN B 50 -2.35 -3.12 11.91
C ASN B 50 -2.92 -1.73 11.62
N LYS B 51 -2.20 -0.69 12.00
CA LYS B 51 -2.69 0.68 11.82
C LYS B 51 -3.01 1.02 10.37
N GLY B 52 -2.18 0.54 9.45
CA GLY B 52 -2.37 0.81 8.04
C GLY B 52 -3.42 -0.11 7.41
N LYS B 53 -4.06 -0.95 8.23
CA LYS B 53 -5.03 -1.91 7.66
C LYS B 53 -6.46 -1.51 7.99
N ASN B 54 -6.61 -0.41 8.73
CA ASN B 54 -7.94 0.10 9.09
C ASN B 54 -8.23 1.37 8.33
N ARG B 55 -9.41 1.42 7.71
CA ARG B 55 -9.78 2.54 6.87
C ARG B 55 -10.10 3.73 7.75
N TYR B 56 -10.76 3.47 8.87
CA TYR B 56 -11.08 4.49 9.88
C TYR B 56 -10.56 4.04 11.26
N LYS B 57 -9.90 4.93 11.98
CA LYS B 57 -9.29 4.56 13.26
C LYS B 57 -10.29 4.16 14.36
N ASN B 58 -11.53 4.64 14.25
CA ASN B 58 -12.55 4.35 15.26
C ASN B 58 -13.40 3.12 14.97
N ILE B 59 -13.24 2.53 13.79
CA ILE B 59 -14.03 1.37 13.39
C ILE B 59 -13.13 0.13 13.37
N LEU B 60 -13.24 -0.70 14.40
CA LEU B 60 -12.36 -1.86 14.60
C LEU B 60 -13.22 -3.11 14.85
N PRO B 61 -12.72 -4.29 14.45
CA PRO B 61 -13.53 -5.51 14.67
C PRO B 61 -13.39 -6.00 16.11
N PHE B 62 -14.45 -6.56 16.67
CA PHE B 62 -14.36 -7.20 17.98
C PHE B 62 -13.43 -8.40 17.83
N ASP B 63 -12.57 -8.62 18.81
CA ASP B 63 -11.67 -9.77 18.79
C ASP B 63 -12.43 -11.09 18.79
N HIS B 64 -13.57 -11.13 19.47
CA HIS B 64 -14.28 -12.40 19.62
C HIS B 64 -14.88 -12.92 18.30
N SER B 65 -15.13 -12.03 17.35
CA SER B 65 -15.78 -12.47 16.11
C SER B 65 -14.98 -12.10 14.87
N ARG B 66 -13.74 -11.67 15.05
CA ARG B 66 -12.98 -11.21 13.89
C ARG B 66 -12.58 -12.38 12.99
N VAL B 67 -12.43 -12.08 11.71
CA VAL B 67 -11.96 -13.06 10.77
C VAL B 67 -10.45 -13.16 10.94
N ILE B 68 -9.95 -14.37 11.16
CA ILE B 68 -8.51 -14.56 11.39
C ILE B 68 -7.91 -15.13 10.10
N LEU B 69 -6.98 -14.38 9.51
CA LEU B 69 -6.38 -14.83 8.25
C LEU B 69 -5.46 -16.02 8.46
N GLN B 70 -5.67 -17.07 7.66
CA GLN B 70 -4.82 -18.25 7.70
C GLN B 70 -3.67 -18.09 6.72
N GLY B 71 -2.71 -19.01 6.79
CA GLY B 71 -1.61 -19.06 5.85
C GLY B 71 -0.57 -18.00 6.13
N ARG B 72 -0.63 -17.43 7.33
CA ARG B 72 0.25 -16.35 7.74
C ARG B 72 1.24 -16.84 8.79
N ASP B 73 2.36 -16.13 8.90
CA ASP B 73 3.41 -16.49 9.85
C ASP B 73 3.03 -15.94 11.23
N SER B 74 2.73 -16.84 12.16
CA SER B 74 2.27 -16.40 13.48
C SER B 74 3.39 -15.75 14.32
N ASN B 75 4.61 -15.79 13.80
CA ASN B 75 5.74 -15.11 14.46
C ASN B 75 5.83 -13.63 14.08
N ILE B 76 4.96 -13.19 13.18
CA ILE B 76 4.90 -11.80 12.75
C ILE B 76 3.61 -11.18 13.30
N PRO B 77 3.74 -10.31 14.31
CA PRO B 77 2.55 -9.71 14.93
C PRO B 77 1.66 -9.02 13.92
N GLY B 78 0.35 -9.28 14.01
CA GLY B 78 -0.60 -8.65 13.12
C GLY B 78 -0.78 -9.30 11.75
N SER B 79 0.02 -10.32 11.43
CA SER B 79 -0.04 -10.93 10.09
C SER B 79 -1.38 -11.58 9.79
N ASP B 80 -2.11 -11.93 10.84
CA ASP B 80 -3.42 -12.60 10.69
C ASP B 80 -4.61 -11.64 10.57
N TYR B 81 -4.36 -10.34 10.51
CA TYR B 81 -5.44 -9.38 10.73
C TYR B 81 -6.17 -8.89 9.48
N ILE B 82 -7.48 -8.76 9.61
CA ILE B 82 -8.29 -8.04 8.62
C ILE B 82 -9.46 -7.39 9.35
N ASN B 83 -9.89 -6.22 8.90
CA ASN B 83 -10.97 -5.50 9.57
C ASN B 83 -12.29 -6.06 9.04
N ALA B 84 -12.72 -7.17 9.65
CA ALA B 84 -13.90 -7.92 9.23
C ALA B 84 -14.36 -8.84 10.35
N ASN B 85 -15.67 -9.06 10.43
CA ASN B 85 -16.21 -9.97 11.45
C ASN B 85 -17.21 -10.93 10.86
N TYR B 86 -17.23 -12.16 11.40
CA TYR B 86 -18.33 -13.07 11.12
C TYR B 86 -19.59 -12.54 11.79
N ILE B 87 -20.72 -12.61 11.07
CA ILE B 87 -22.03 -12.28 11.63
C ILE B 87 -22.98 -13.46 11.41
N LYS B 88 -23.61 -13.93 12.48
CA LYS B 88 -24.60 -15.00 12.38
C LYS B 88 -25.90 -14.50 12.96
N ASN B 89 -27.02 -15.10 12.57
CA ASN B 89 -28.27 -14.81 13.28
C ASN B 89 -28.31 -15.60 14.60
N GLN B 90 -27.98 -14.94 15.70
CA GLN B 90 -27.90 -15.59 17.01
C GLN B 90 -29.25 -15.69 17.70
N LEU B 91 -30.32 -15.53 16.94
CA LEU B 91 -31.67 -15.65 17.48
C LEU B 91 -32.33 -16.91 16.94
N LEU B 92 -31.52 -17.89 16.57
CA LEU B 92 -32.01 -19.19 16.13
C LEU B 92 -31.50 -20.28 17.07
N LYS B 99 -27.15 -20.05 6.53
CA LYS B 99 -26.48 -18.91 5.91
C LYS B 99 -25.84 -17.99 6.94
N THR B 100 -24.55 -17.70 6.75
CA THR B 100 -23.82 -16.80 7.65
CA THR B 100 -23.83 -16.80 7.64
C THR B 100 -23.17 -15.68 6.84
N TYR B 101 -22.73 -14.63 7.52
CA TYR B 101 -22.16 -13.49 6.78
C TYR B 101 -20.77 -13.12 7.26
N ILE B 102 -20.05 -12.40 6.41
CA ILE B 102 -18.91 -11.62 6.88
C ILE B 102 -19.14 -10.15 6.59
N ALA B 103 -18.99 -9.31 7.62
CA ALA B 103 -19.13 -7.87 7.46
C ALA B 103 -17.73 -7.30 7.46
N SER B 104 -17.37 -6.61 6.39
CA SER B 104 -15.99 -6.18 6.21
C SER B 104 -15.93 -4.70 5.82
N GLN B 105 -14.82 -4.03 6.12
CA GLN B 105 -14.63 -2.68 5.62
C GLN B 105 -14.29 -2.79 4.14
N GLY B 106 -14.33 -1.65 3.43
CA GLY B 106 -13.93 -1.63 2.04
C GLY B 106 -12.41 -1.65 1.95
N CYS B 107 -11.86 -2.41 1.01
CA CYS B 107 -10.42 -2.57 0.87
C CYS B 107 -9.67 -1.25 0.74
N LEU B 108 -8.49 -1.23 1.36
CA LEU B 108 -7.44 -0.25 1.09
C LEU B 108 -6.46 -0.92 0.11
N GLU B 109 -5.65 -0.14 -0.60
CA GLU B 109 -4.65 -0.76 -1.45
C GLU B 109 -3.78 -1.72 -0.63
N ALA B 110 -3.47 -1.31 0.60
CA ALA B 110 -2.62 -2.12 1.46
C ALA B 110 -3.29 -3.40 1.97
N THR B 111 -4.59 -3.56 1.73
CA THR B 111 -5.29 -4.74 2.25
C THR B 111 -6.00 -5.57 1.19
N VAL B 112 -5.78 -5.27 -0.10
CA VAL B 112 -6.46 -6.05 -1.12
C VAL B 112 -6.03 -7.52 -1.09
N ASN B 113 -4.75 -7.82 -0.84
CA ASN B 113 -4.35 -9.23 -0.80
C ASN B 113 -4.99 -9.95 0.39
N ASP B 114 -5.07 -9.25 1.51
CA ASP B 114 -5.75 -9.76 2.70
C ASP B 114 -7.19 -10.13 2.41
N PHE B 115 -7.88 -9.27 1.68
CA PHE B 115 -9.27 -9.55 1.30
C PHE B 115 -9.39 -10.89 0.53
N TRP B 116 -8.52 -11.09 -0.46
CA TRP B 116 -8.58 -12.32 -1.25
C TRP B 116 -8.22 -13.57 -0.41
N GLN B 117 -7.28 -13.41 0.53
CA GLN B 117 -6.98 -14.50 1.44
C GLN B 117 -8.23 -14.85 2.23
N MET B 118 -8.92 -13.82 2.75
CA MET B 118 -10.19 -14.04 3.43
C MET B 118 -11.22 -14.77 2.55
N ALA B 119 -11.48 -14.26 1.35
CA ALA B 119 -12.47 -14.90 0.48
C ALA B 119 -12.11 -16.34 0.19
N TRP B 120 -10.84 -16.58 -0.11
CA TRP B 120 -10.41 -17.95 -0.40
C TRP B 120 -10.58 -18.89 0.79
N GLN B 121 -10.03 -18.54 1.94
CA GLN B 121 -10.05 -19.46 3.06
C GLN B 121 -11.46 -19.75 3.56
N GLU B 122 -12.39 -18.81 3.37
CA GLU B 122 -13.75 -19.00 3.89
C GLU B 122 -14.63 -19.71 2.88
N ASN B 123 -14.10 -19.95 1.68
CA ASN B 123 -14.88 -20.56 0.60
C ASN B 123 -16.10 -19.70 0.23
N SER B 124 -15.95 -18.38 0.36
CA SER B 124 -17.02 -17.47 -0.05
C SER B 124 -17.17 -17.47 -1.57
N ARG B 125 -18.42 -17.55 -2.04
CA ARG B 125 -18.67 -17.58 -3.48
C ARG B 125 -19.46 -16.35 -3.94
N VAL B 126 -19.96 -15.60 -2.97
CA VAL B 126 -20.75 -14.40 -3.26
C VAL B 126 -20.20 -13.23 -2.45
N ILE B 127 -19.91 -12.13 -3.14
CA ILE B 127 -19.46 -10.90 -2.49
C ILE B 127 -20.47 -9.79 -2.79
N VAL B 128 -20.85 -9.05 -1.76
CA VAL B 128 -21.88 -8.03 -1.88
C VAL B 128 -21.29 -6.67 -1.51
N MET B 129 -21.08 -5.82 -2.51
CA MET B 129 -20.49 -4.50 -2.30
C MET B 129 -21.57 -3.45 -2.41
N THR B 130 -21.77 -2.68 -1.35
CA THR B 130 -22.89 -1.74 -1.33
C THR B 130 -22.43 -0.30 -1.42
N THR B 131 -21.25 -0.08 -2.01
CA THR B 131 -20.74 1.27 -2.19
C THR B 131 -20.18 1.43 -3.59
N ARG B 132 -20.09 2.67 -4.04
CA ARG B 132 -19.27 3.00 -5.21
C ARG B 132 -17.85 3.22 -4.70
N GLU B 133 -16.88 3.16 -5.59
CA GLU B 133 -15.48 3.32 -5.18
CA GLU B 133 -15.48 3.32 -5.17
C GLU B 133 -15.21 4.73 -4.66
N VAL B 134 -15.81 5.73 -5.32
CA VAL B 134 -15.69 7.11 -4.89
C VAL B 134 -17.10 7.71 -4.76
N GLU B 135 -17.35 8.43 -3.67
CA GLU B 135 -18.63 9.08 -3.45
C GLU B 135 -18.42 10.50 -2.92
N LYS B 136 -19.01 11.49 -3.59
CA LYS B 136 -18.84 12.89 -3.23
C LYS B 136 -17.36 13.27 -3.16
N GLY B 137 -16.58 12.75 -4.09
CA GLY B 137 -15.15 13.05 -4.15
C GLY B 137 -14.32 12.41 -3.05
N ARG B 138 -14.92 11.50 -2.29
CA ARG B 138 -14.20 10.78 -1.25
C ARG B 138 -14.01 9.31 -1.63
N ASN B 139 -12.79 8.80 -1.47
CA ASN B 139 -12.51 7.39 -1.70
C ASN B 139 -13.20 6.51 -0.65
N LYS B 140 -14.01 5.56 -1.11
CA LYS B 140 -14.76 4.69 -0.22
C LYS B 140 -14.24 3.25 -0.20
N CYS B 141 -13.68 2.81 -1.32
CA CYS B 141 -13.15 1.46 -1.45
C CYS B 141 -12.30 1.41 -2.69
N VAL B 142 -11.13 0.76 -2.61
CA VAL B 142 -10.33 0.58 -3.81
C VAL B 142 -10.85 -0.69 -4.49
N PRO B 143 -10.82 -0.70 -5.83
CA PRO B 143 -11.19 -1.93 -6.56
C PRO B 143 -10.22 -3.06 -6.25
N TYR B 144 -10.73 -4.25 -6.03
CA TYR B 144 -9.90 -5.42 -5.77
C TYR B 144 -10.22 -6.50 -6.80
N TRP B 145 -10.79 -6.07 -7.93
CA TRP B 145 -11.01 -6.96 -9.08
C TRP B 145 -10.30 -6.34 -10.28
N PRO B 146 -9.89 -7.17 -11.25
CA PRO B 146 -9.34 -6.70 -12.52
C PRO B 146 -10.47 -6.25 -13.45
N GLU B 147 -10.17 -5.52 -14.51
CA GLU B 147 -11.19 -5.16 -15.50
CA GLU B 147 -11.19 -5.16 -15.48
C GLU B 147 -11.54 -6.39 -16.32
N VAL B 148 -12.66 -6.36 -17.04
CA VAL B 148 -13.08 -7.54 -17.82
C VAL B 148 -11.99 -8.05 -18.74
N GLY B 149 -11.74 -9.35 -18.71
CA GLY B 149 -10.76 -9.94 -19.60
C GLY B 149 -9.34 -9.94 -19.03
N MET B 150 -9.14 -9.26 -17.90
CA MET B 150 -7.82 -9.18 -17.28
CA MET B 150 -7.82 -9.19 -17.29
C MET B 150 -7.66 -10.24 -16.18
N GLN B 151 -6.44 -10.73 -16.03
CA GLN B 151 -6.06 -11.66 -14.97
C GLN B 151 -4.90 -10.99 -14.23
N ARG B 152 -4.89 -11.11 -12.91
CA ARG B 152 -3.71 -10.70 -12.16
C ARG B 152 -3.67 -11.37 -10.80
N ALA B 153 -2.48 -11.39 -10.20
CA ALA B 153 -2.33 -12.00 -8.89
C ALA B 153 -2.67 -10.98 -7.82
N TYR B 154 -3.29 -11.46 -6.75
CA TYR B 154 -3.39 -10.72 -5.51
C TYR B 154 -2.77 -11.62 -4.47
N GLY B 155 -1.49 -11.41 -4.16
CA GLY B 155 -0.77 -12.35 -3.33
C GLY B 155 -0.80 -13.71 -4.00
N PRO B 156 -1.06 -14.78 -3.24
CA PRO B 156 -0.92 -16.14 -3.79
C PRO B 156 -2.10 -16.57 -4.68
N TYR B 157 -3.04 -15.68 -4.96
CA TYR B 157 -4.23 -16.04 -5.75
C TYR B 157 -4.30 -15.32 -7.08
N SER B 158 -4.67 -16.06 -8.11
CA SER B 158 -4.89 -15.47 -9.42
C SER B 158 -6.36 -15.16 -9.52
N VAL B 159 -6.68 -13.96 -10.00
CA VAL B 159 -8.09 -13.56 -10.19
C VAL B 159 -8.31 -13.08 -11.62
N THR B 160 -9.33 -13.62 -12.28
CA THR B 160 -9.65 -13.20 -13.65
C THR B 160 -11.09 -12.65 -13.62
N ASN B 161 -11.31 -11.50 -14.24
CA ASN B 161 -12.67 -11.01 -14.39
C ASN B 161 -13.20 -11.57 -15.72
N CYS B 162 -14.12 -12.52 -15.63
CA CYS B 162 -14.61 -13.23 -16.83
C CYS B 162 -15.74 -12.52 -17.57
N GLY B 163 -16.36 -11.53 -16.94
CA GLY B 163 -17.48 -10.86 -17.57
C GLY B 163 -18.29 -10.06 -16.59
N GLU B 164 -19.12 -9.18 -17.12
CA GLU B 164 -19.94 -8.30 -16.31
C GLU B 164 -21.34 -8.22 -16.86
N HIS B 165 -22.28 -7.85 -16.00
CA HIS B 165 -23.65 -7.63 -16.43
C HIS B 165 -24.19 -6.48 -15.62
N ASP B 166 -24.76 -5.49 -16.30
CA ASP B 166 -25.28 -4.31 -15.63
C ASP B 166 -26.80 -4.33 -15.63
N THR B 167 -27.40 -4.16 -14.46
CA THR B 167 -28.81 -3.81 -14.40
C THR B 167 -28.87 -2.33 -14.06
N THR B 168 -30.07 -1.79 -13.93
CA THR B 168 -30.23 -0.37 -13.61
C THR B 168 -29.61 0.01 -12.27
N GLU B 169 -29.68 -0.88 -11.29
CA GLU B 169 -29.23 -0.53 -9.94
C GLU B 169 -27.98 -1.25 -9.45
N TYR B 170 -27.50 -2.25 -10.21
CA TYR B 170 -26.32 -2.98 -9.74
C TYR B 170 -25.51 -3.58 -10.88
N LYS B 171 -24.24 -3.84 -10.58
CA LYS B 171 -23.36 -4.49 -11.54
C LYS B 171 -22.95 -5.83 -10.97
N LEU B 172 -23.01 -6.88 -11.79
CA LEU B 172 -22.52 -8.19 -11.41
C LEU B 172 -21.25 -8.48 -12.19
N ARG B 173 -20.17 -8.83 -11.50
CA ARG B 173 -18.95 -9.28 -12.17
C ARG B 173 -18.70 -10.74 -11.80
N THR B 174 -18.33 -11.55 -12.78
CA THR B 174 -18.05 -12.96 -12.49
C THR B 174 -16.54 -13.16 -12.48
N LEU B 175 -16.01 -13.58 -11.33
CA LEU B 175 -14.57 -13.67 -11.17
C LEU B 175 -14.20 -15.14 -11.07
N GLN B 176 -13.05 -15.50 -11.61
CA GLN B 176 -12.51 -16.85 -11.40
C GLN B 176 -11.24 -16.72 -10.60
N VAL B 177 -11.18 -17.47 -9.50
CA VAL B 177 -10.06 -17.35 -8.58
C VAL B 177 -9.41 -18.70 -8.39
N SER B 178 -8.07 -18.71 -8.36
CA SER B 178 -7.35 -19.95 -8.10
C SER B 178 -6.01 -19.67 -7.43
N PRO B 179 -5.53 -20.61 -6.62
CA PRO B 179 -4.21 -20.39 -6.02
C PRO B 179 -3.13 -20.63 -7.07
N LEU B 180 -2.09 -19.80 -7.05
CA LEU B 180 -1.00 -19.93 -8.02
C LEU B 180 -0.15 -21.17 -7.72
N ASP B 181 -0.31 -21.74 -6.53
CA ASP B 181 0.45 -22.96 -6.19
C ASP B 181 -0.38 -24.22 -6.34
N ASN B 182 -1.57 -24.09 -6.93
CA ASN B 182 -2.37 -25.28 -7.19
C ASN B 182 -2.78 -25.39 -8.65
N GLY B 183 -2.53 -26.55 -9.26
CA GLY B 183 -2.78 -26.74 -10.67
C GLY B 183 -4.17 -27.30 -10.97
N ASP B 184 -5.06 -27.27 -9.98
CA ASP B 184 -6.34 -27.98 -10.10
C ASP B 184 -7.57 -27.18 -9.65
N LEU B 185 -7.41 -26.34 -8.63
CA LEU B 185 -8.54 -25.68 -7.98
C LEU B 185 -8.89 -24.34 -8.62
N ILE B 186 -10.10 -24.24 -9.17
CA ILE B 186 -10.61 -22.97 -9.68
C ILE B 186 -12.00 -22.78 -9.11
N ARG B 187 -12.30 -21.57 -8.65
CA ARG B 187 -13.62 -21.28 -8.13
C ARG B 187 -14.21 -20.07 -8.80
N GLU B 188 -15.50 -20.14 -9.14
CA GLU B 188 -16.21 -18.94 -9.59
C GLU B 188 -16.73 -18.15 -8.41
N ILE B 189 -16.49 -16.84 -8.44
CA ILE B 189 -16.99 -15.95 -7.39
CA ILE B 189 -16.96 -15.93 -7.40
C ILE B 189 -17.85 -14.87 -8.02
N TRP B 190 -19.05 -14.68 -7.48
CA TRP B 190 -19.96 -13.70 -8.04
C TRP B 190 -19.94 -12.44 -7.17
N HIS B 191 -19.57 -11.33 -7.81
CA HIS B 191 -19.37 -10.06 -7.13
C HIS B 191 -20.51 -9.13 -7.52
N TYR B 192 -21.39 -8.85 -6.56
CA TYR B 192 -22.52 -7.96 -6.80
C TYR B 192 -22.23 -6.58 -6.19
N GLN B 193 -22.24 -5.54 -7.02
CA GLN B 193 -22.00 -4.19 -6.52
C GLN B 193 -23.25 -3.35 -6.69
N TYR B 194 -23.82 -2.90 -5.58
CA TYR B 194 -24.99 -2.02 -5.67
C TYR B 194 -24.52 -0.60 -6.01
N LEU B 195 -25.10 0.00 -7.04
CA LEU B 195 -24.65 1.31 -7.52
C LEU B 195 -25.55 2.49 -7.17
N SER B 196 -26.76 2.22 -6.70
CA SER B 196 -27.76 3.28 -6.52
C SER B 196 -28.14 3.53 -5.07
N TRP B 197 -27.19 3.35 -4.16
CA TRP B 197 -27.42 3.71 -2.76
C TRP B 197 -26.72 5.05 -2.56
N PRO B 198 -27.50 6.15 -2.67
CA PRO B 198 -26.96 7.48 -2.98
C PRO B 198 -26.01 8.04 -1.94
N ASP B 199 -25.39 9.16 -2.29
CA ASP B 199 -24.32 9.78 -1.52
C ASP B 199 -24.68 10.13 -0.07
N HIS B 200 -25.86 10.70 0.14
CA HIS B 200 -26.35 10.87 1.50
C HIS B 200 -27.68 10.14 1.70
N GLY B 201 -27.66 9.10 2.53
CA GLY B 201 -28.89 8.43 2.91
C GLY B 201 -29.23 7.16 2.17
N VAL B 202 -30.53 6.95 1.97
CA VAL B 202 -31.08 5.67 1.54
C VAL B 202 -31.94 5.82 0.28
N PRO B 203 -32.11 4.72 -0.47
CA PRO B 203 -33.03 4.78 -1.62
C PRO B 203 -34.45 5.11 -1.16
N SER B 204 -35.16 5.91 -1.95
CA SER B 204 -36.52 6.29 -1.60
C SER B 204 -37.47 5.10 -1.77
N GLU B 205 -36.99 4.08 -2.47
CA GLU B 205 -37.79 2.89 -2.77
C GLU B 205 -36.97 1.63 -2.50
N PRO B 206 -37.53 0.69 -1.70
CA PRO B 206 -36.79 -0.50 -1.27
C PRO B 206 -36.69 -1.57 -2.35
N GLY B 207 -37.42 -1.39 -3.44
CA GLY B 207 -37.55 -2.40 -4.48
C GLY B 207 -36.25 -2.92 -5.08
N GLY B 208 -35.33 -2.00 -5.39
CA GLY B 208 -34.04 -2.38 -5.95
C GLY B 208 -33.23 -3.25 -5.01
N VAL B 209 -33.20 -2.88 -3.74
CA VAL B 209 -32.42 -3.62 -2.75
C VAL B 209 -33.01 -5.03 -2.54
N LEU B 210 -34.33 -5.12 -2.45
CA LEU B 210 -34.99 -6.42 -2.33
C LEU B 210 -34.70 -7.32 -3.54
N SER B 211 -34.77 -6.73 -4.72
CA SER B 211 -34.45 -7.45 -5.96
C SER B 211 -33.00 -7.95 -5.95
N PHE B 212 -32.11 -7.08 -5.51
CA PHE B 212 -30.69 -7.35 -5.37
C PHE B 212 -30.45 -8.56 -4.47
N LEU B 213 -31.02 -8.51 -3.26
CA LEU B 213 -30.86 -9.58 -2.28
C LEU B 213 -31.47 -10.91 -2.75
N ASP B 214 -32.56 -10.82 -3.50
CA ASP B 214 -33.19 -12.01 -4.05
C ASP B 214 -32.23 -12.72 -5.01
N GLN B 215 -31.54 -11.94 -5.84
CA GLN B 215 -30.56 -12.50 -6.79
C GLN B 215 -29.35 -13.10 -6.09
N ILE B 216 -28.83 -12.36 -5.10
CA ILE B 216 -27.71 -12.81 -4.28
C ILE B 216 -28.03 -14.13 -3.61
N ASN B 217 -29.23 -14.23 -3.05
CA ASN B 217 -29.64 -15.44 -2.37
C ASN B 217 -29.87 -16.61 -3.32
N GLN B 218 -30.47 -16.33 -4.47
CA GLN B 218 -30.60 -17.38 -5.50
C GLN B 218 -29.25 -17.94 -5.88
N ARG B 219 -28.25 -17.06 -5.97
CA ARG B 219 -26.90 -17.47 -6.32
C ARG B 219 -26.30 -18.33 -5.21
N GLN B 220 -26.37 -17.81 -3.98
CA GLN B 220 -25.84 -18.54 -2.83
C GLN B 220 -26.51 -19.90 -2.66
N GLU B 221 -27.82 -19.94 -2.85
CA GLU B 221 -28.56 -21.20 -2.70
C GLU B 221 -28.18 -22.24 -3.76
N SER B 222 -27.75 -21.80 -4.94
CA SER B 222 -27.40 -22.75 -6.00
C SER B 222 -26.04 -23.37 -5.71
N LEU B 223 -25.39 -22.87 -4.66
CA LEU B 223 -24.06 -23.35 -4.26
C LEU B 223 -24.10 -23.84 -2.80
N PRO B 224 -24.56 -25.08 -2.59
CA PRO B 224 -24.78 -25.68 -1.26
C PRO B 224 -23.52 -25.67 -0.39
N HIS B 225 -22.37 -25.80 -1.03
CA HIS B 225 -21.09 -25.90 -0.36
C HIS B 225 -20.54 -24.54 0.07
N ALA B 226 -21.16 -23.47 -0.42
CA ALA B 226 -20.59 -22.12 -0.29
C ALA B 226 -20.38 -21.69 1.15
N GLY B 227 -19.32 -20.93 1.38
CA GLY B 227 -19.05 -20.35 2.69
C GLY B 227 -19.82 -19.05 2.86
N PRO B 228 -19.46 -18.26 3.89
CA PRO B 228 -20.19 -17.03 4.19
C PRO B 228 -20.25 -16.05 3.03
N ILE B 229 -21.39 -15.37 2.88
CA ILE B 229 -21.49 -14.23 1.98
C ILE B 229 -20.70 -13.08 2.59
N ILE B 230 -19.79 -12.51 1.82
CA ILE B 230 -19.02 -11.34 2.28
C ILE B 230 -19.80 -10.08 1.89
N VAL B 231 -20.07 -9.21 2.86
CA VAL B 231 -20.79 -7.97 2.58
C VAL B 231 -19.90 -6.82 3.02
N HIS B 232 -19.71 -5.84 2.16
CA HIS B 232 -18.92 -4.68 2.58
C HIS B 232 -19.41 -3.35 1.98
N CYS B 233 -19.06 -2.26 2.65
CA CYS B 233 -19.24 -0.93 2.07
C CYS B 233 -17.92 -0.19 2.24
N SER B 234 -17.91 0.95 2.92
CA SER B 234 -16.63 1.60 3.20
C SER B 234 -16.13 1.24 4.61
N ALA B 235 -16.90 1.60 5.63
CA ALA B 235 -16.50 1.30 7.00
C ALA B 235 -16.98 -0.09 7.37
N GLY B 236 -17.95 -0.59 6.62
CA GLY B 236 -18.46 -1.93 6.85
C GLY B 236 -19.40 -2.02 8.02
N ILE B 237 -20.09 -0.92 8.33
CA ILE B 237 -21.08 -0.93 9.40
C ILE B 237 -22.42 -0.31 9.03
N GLY B 238 -22.40 0.74 8.20
CA GLY B 238 -23.62 1.48 7.92
C GLY B 238 -24.49 0.76 6.92
N ARG B 239 -24.13 0.87 5.65
CA ARG B 239 -24.87 0.16 4.60
C ARG B 239 -24.74 -1.34 4.77
N THR B 240 -23.56 -1.78 5.17
CA THR B 240 -23.31 -3.20 5.40
C THR B 240 -24.25 -3.73 6.48
N GLY B 241 -24.35 -3.02 7.60
CA GLY B 241 -25.22 -3.46 8.69
C GLY B 241 -26.68 -3.45 8.27
N THR B 242 -27.04 -2.42 7.53
CA THR B 242 -28.43 -2.29 7.06
C THR B 242 -28.82 -3.43 6.14
N ILE B 243 -27.95 -3.77 5.20
CA ILE B 243 -28.33 -4.80 4.24
C ILE B 243 -28.32 -6.18 4.90
N ILE B 244 -27.39 -6.41 5.83
CA ILE B 244 -27.35 -7.69 6.53
C ILE B 244 -28.61 -7.86 7.40
N VAL B 245 -29.01 -6.81 8.13
CA VAL B 245 -30.24 -6.91 8.93
C VAL B 245 -31.45 -7.19 8.05
N ILE B 246 -31.57 -6.48 6.94
CA ILE B 246 -32.67 -6.74 5.99
C ILE B 246 -32.64 -8.19 5.54
N ASP B 247 -31.46 -8.70 5.20
CA ASP B 247 -31.34 -10.09 4.72
C ASP B 247 -31.71 -11.11 5.79
N MET B 248 -31.27 -10.86 7.02
CA MET B 248 -31.61 -11.76 8.12
C MET B 248 -33.11 -11.80 8.37
N LEU B 249 -33.75 -10.65 8.24
CA LEU B 249 -35.20 -10.57 8.48
C LEU B 249 -35.97 -11.31 7.40
N MET B 250 -35.53 -11.16 6.15
CA MET B 250 -36.10 -11.88 5.04
C MET B 250 -35.95 -13.38 5.26
N GLU B 251 -34.79 -13.77 5.80
CA GLU B 251 -34.48 -15.17 6.02
C GLU B 251 -35.34 -15.76 7.13
N ASN B 252 -35.60 -14.94 8.15
CA ASN B 252 -36.45 -15.34 9.27
C ASN B 252 -37.88 -15.65 8.80
N ILE B 253 -38.36 -14.85 7.86
CA ILE B 253 -39.70 -15.01 7.32
C ILE B 253 -39.79 -16.22 6.40
N SER B 254 -38.74 -16.43 5.60
CA SER B 254 -38.70 -17.55 4.66
C SER B 254 -38.58 -18.91 5.36
N THR B 255 -38.16 -18.90 6.62
CA THR B 255 -37.93 -20.15 7.34
C THR B 255 -38.94 -20.40 8.46
N LYS B 256 -39.56 -19.34 8.97
CA LYS B 256 -40.47 -19.46 10.10
C LYS B 256 -41.89 -18.99 9.75
N GLY B 257 -42.02 -18.36 8.59
CA GLY B 257 -43.32 -17.91 8.11
C GLY B 257 -43.68 -16.49 8.52
N LEU B 258 -44.85 -16.04 8.05
CA LEU B 258 -45.35 -14.69 8.31
C LEU B 258 -45.81 -14.48 9.74
N ASP B 259 -46.07 -15.58 10.45
CA ASP B 259 -46.54 -15.52 11.84
C ASP B 259 -45.40 -15.25 12.81
N CYS B 260 -44.18 -15.52 12.38
CA CYS B 260 -42.99 -15.40 13.25
C CYS B 260 -42.74 -13.98 13.74
N ASP B 261 -41.82 -13.86 14.69
CA ASP B 261 -41.53 -12.56 15.32
C ASP B 261 -40.55 -11.73 14.51
N ILE B 262 -40.97 -10.51 14.18
CA ILE B 262 -40.08 -9.56 13.51
C ILE B 262 -39.77 -8.42 14.47
N ASP B 263 -38.58 -8.47 15.05
CA ASP B 263 -38.13 -7.40 15.93
C ASP B 263 -36.87 -6.79 15.35
N ILE B 264 -37.05 -5.70 14.60
CA ILE B 264 -35.96 -5.01 13.93
C ILE B 264 -34.93 -4.50 14.93
N GLN B 265 -35.42 -3.94 16.04
CA GLN B 265 -34.55 -3.42 17.09
C GLN B 265 -33.70 -4.51 17.74
N LYS B 266 -34.33 -5.65 18.05
CA LYS B 266 -33.61 -6.78 18.64
C LYS B 266 -32.60 -7.38 17.67
N THR B 267 -32.93 -7.40 16.39
CA THR B 267 -32.02 -7.97 15.39
C THR B 267 -30.74 -7.12 15.31
N ILE B 268 -30.91 -5.81 15.36
CA ILE B 268 -29.81 -4.87 15.28
C ILE B 268 -28.88 -5.02 16.49
N GLN B 269 -29.46 -5.11 17.68
CA GLN B 269 -28.66 -5.29 18.89
C GLN B 269 -27.85 -6.58 18.82
N MET B 270 -28.46 -7.63 18.29
CA MET B 270 -27.80 -8.93 18.15
C MET B 270 -26.63 -8.86 17.17
N VAL B 271 -26.78 -8.14 16.06
CA VAL B 271 -25.66 -8.02 15.12
C VAL B 271 -24.59 -7.05 15.64
N ARG B 272 -24.99 -6.04 16.40
CA ARG B 272 -24.03 -5.08 16.97
C ARG B 272 -23.13 -5.71 18.04
N ALA B 273 -23.56 -6.84 18.59
CA ALA B 273 -22.72 -7.59 19.51
C ALA B 273 -21.65 -8.38 18.76
N GLN B 274 -21.73 -8.38 17.43
CA GLN B 274 -20.76 -9.09 16.59
C GLN B 274 -19.87 -8.16 15.76
N ARG B 275 -20.35 -6.95 15.49
CA ARG B 275 -19.49 -5.89 14.94
C ARG B 275 -20.06 -4.53 15.36
N SER B 276 -19.21 -3.66 15.89
CA SER B 276 -19.67 -2.40 16.49
C SER B 276 -20.36 -1.48 15.49
N GLY B 277 -21.52 -0.97 15.89
CA GLY B 277 -22.14 0.14 15.20
C GLY B 277 -22.94 -0.17 13.95
N MET B 278 -23.27 -1.45 13.75
CA MET B 278 -24.03 -1.87 12.57
C MET B 278 -25.38 -1.15 12.52
N VAL B 279 -25.70 -0.61 11.34
CA VAL B 279 -26.82 0.33 11.13
C VAL B 279 -26.50 1.68 11.78
N GLN B 280 -26.13 2.65 10.95
CA GLN B 280 -25.53 3.90 11.46
C GLN B 280 -26.45 5.12 11.58
N THR B 281 -27.42 5.24 10.68
CA THR B 281 -28.26 6.44 10.67
C THR B 281 -29.73 6.16 10.89
N GLU B 282 -30.46 7.20 11.28
CA GLU B 282 -31.89 7.06 11.48
C GLU B 282 -32.60 6.65 10.18
N ALA B 283 -32.14 7.18 9.05
CA ALA B 283 -32.77 6.88 7.76
C ALA B 283 -32.57 5.41 7.35
N GLN B 284 -31.41 4.84 7.69
CA GLN B 284 -31.15 3.43 7.40
C GLN B 284 -32.09 2.56 8.21
N TYR B 285 -32.33 2.97 9.45
CA TYR B 285 -33.25 2.30 10.35
C TYR B 285 -34.65 2.22 9.73
N LYS B 286 -35.17 3.36 9.30
CA LYS B 286 -36.47 3.43 8.64
C LYS B 286 -36.50 2.60 7.36
N PHE B 287 -35.38 2.58 6.64
CA PHE B 287 -35.30 1.82 5.41
C PHE B 287 -35.52 0.33 5.64
N ILE B 288 -34.93 -0.20 6.72
CA ILE B 288 -35.14 -1.60 7.09
C ILE B 288 -36.65 -1.88 7.24
N TYR B 289 -37.33 -0.98 7.94
CA TYR B 289 -38.78 -1.10 8.14
C TYR B 289 -39.53 -1.14 6.82
N VAL B 290 -39.21 -0.19 5.95
CA VAL B 290 -39.88 -0.06 4.66
C VAL B 290 -39.61 -1.27 3.77
N ALA B 291 -38.36 -1.73 3.74
CA ALA B 291 -37.98 -2.90 2.94
C ALA B 291 -38.69 -4.16 3.43
N ILE B 292 -38.66 -4.40 4.73
CA ILE B 292 -39.27 -5.61 5.27
C ILE B 292 -40.80 -5.58 5.15
N ALA B 293 -41.40 -4.40 5.27
CA ALA B 293 -42.84 -4.27 5.06
C ALA B 293 -43.24 -4.65 3.63
N GLN B 294 -42.49 -4.16 2.65
CA GLN B 294 -42.72 -4.53 1.26
C GLN B 294 -42.50 -6.03 1.06
N PHE B 295 -41.44 -6.56 1.66
CA PHE B 295 -41.11 -7.97 1.50
C PHE B 295 -42.25 -8.85 2.04
N ILE B 296 -42.83 -8.43 3.15
CA ILE B 296 -44.00 -9.09 3.71
C ILE B 296 -45.16 -9.13 2.70
N GLU B 297 -45.44 -7.99 2.07
CA GLU B 297 -46.53 -7.93 1.09
C GLU B 297 -46.28 -8.84 -0.12
N THR B 298 -45.04 -8.84 -0.60
CA THR B 298 -44.67 -9.68 -1.74
C THR B 298 -44.79 -11.17 -1.38
N THR B 299 -44.35 -11.51 -0.18
CA THR B 299 -44.45 -12.88 0.33
C THR B 299 -45.90 -13.33 0.46
N LYS B 300 -46.74 -12.43 0.97
CA LYS B 300 -48.16 -12.73 1.13
C LYS B 300 -48.81 -13.07 -0.22
N LYS B 301 -48.41 -12.36 -1.26
CA LYS B 301 -48.94 -12.62 -2.60
C LYS B 301 -48.48 -13.99 -3.09
N LYS B 302 -47.25 -14.36 -2.74
CA LYS B 302 -46.70 -15.66 -3.09
C LYS B 302 -47.51 -16.81 -2.49
N LEU B 303 -47.93 -16.66 -1.23
CA LEU B 303 -48.63 -17.73 -0.51
C LEU B 303 -50.05 -17.92 -1.02
N UNK C 1 -7.97 8.93 10.77
CA UNK C 1 -9.28 8.94 10.12
C UNK C 1 -10.38 8.55 11.09
N UNK C 2 -11.52 9.26 11.03
CA UNK C 2 -12.66 8.97 11.89
C UNK C 2 -13.97 8.88 11.09
N UNK C 4 -17.36 9.35 10.06
CA UNK C 4 -18.69 9.92 9.81
C UNK C 4 -19.81 9.65 10.83
#